data_8IHO
#
_entry.id   8IHO
#
_cell.length_a   118.629
_cell.length_b   137.350
_cell.length_c   59.571
_cell.angle_alpha   90.00
_cell.angle_beta   90.00
_cell.angle_gamma   90.00
#
_symmetry.space_group_name_H-M   'P 21 21 21'
#
loop_
_entity.id
_entity.type
_entity.pdbx_description
1 polymer 'Papain-like protease nsp3'
2 polymer 'covalent inhibitor'
3 non-polymer 'ZINC ION'
#
loop_
_entity_poly.entity_id
_entity_poly.type
_entity_poly.pdbx_seq_one_letter_code
_entity_poly.pdbx_strand_id
1 'polypeptide(L)'
;MEVRTIKVFTTVDNINLHTQVVDMSMTYGQQFGPTYLDGADVTKIKPHNSHEGKTFYVLPNDDTLRVEAFEYYHTTDPSF
LGRYMSALNHTKKWKYPQVNGLTSIKWADNNCYLATALLTLQQIELKFNPPALQDAYYRARAGEAANFCALILAYCNKTV
GELGDVRETMSYLFQHANLDSCKRVLNVVCKTCGQQQTTLKGVEAVMYMGTLSYEQFKKGVQIPCTCGKQATKYLVQQES
PFVMMSAPPAQYELKHGTFTCASEYTGNYQCGHYKHITSKETLYCIDGALLTKSSEYKGPITDVFYKENSYTTTIK
;
A,C
2 'polypeptide(L)' (PQX)GG(GVE) D,E
#
# COMPACT_ATOMS: atom_id res chain seq x y z
N VAL A 3 -35.26 12.45 32.12
CA VAL A 3 -34.06 11.71 32.40
C VAL A 3 -34.19 10.27 31.93
N ARG A 4 -34.65 10.10 30.69
CA ARG A 4 -34.93 8.78 30.16
C ARG A 4 -33.65 8.06 29.73
N THR A 5 -33.58 6.77 30.03
CA THR A 5 -32.47 5.93 29.61
C THR A 5 -32.99 4.66 28.97
N ILE A 6 -32.17 4.09 28.07
CA ILE A 6 -32.35 2.75 27.56
C ILE A 6 -31.03 2.01 27.74
N LYS A 7 -31.11 0.69 27.78
CA LYS A 7 -29.96 -0.16 28.02
C LYS A 7 -29.62 -0.90 26.72
N VAL A 8 -28.53 -0.49 26.09
CA VAL A 8 -28.06 -1.13 24.86
C VAL A 8 -26.80 -1.91 25.14
N PHE A 9 -26.23 -2.53 24.11
CA PHE A 9 -24.99 -3.29 24.23
C PHE A 9 -23.99 -2.78 23.19
N THR A 10 -22.75 -2.60 23.62
CA THR A 10 -21.67 -2.21 22.74
C THR A 10 -20.70 -3.37 22.55
N THR A 11 -20.01 -3.37 21.42
CA THR A 11 -19.07 -4.43 21.09
C THR A 11 -18.15 -3.95 19.99
N VAL A 12 -17.11 -4.75 19.73
CA VAL A 12 -16.22 -4.52 18.60
C VAL A 12 -16.10 -5.82 17.82
N ASP A 13 -16.58 -6.91 18.42
CA ASP A 13 -16.53 -8.22 17.77
C ASP A 13 -17.88 -8.94 17.74
N ASN A 14 -18.91 -8.40 18.41
CA ASN A 14 -20.20 -9.08 18.56
C ASN A 14 -20.03 -10.47 19.17
N ILE A 15 -18.98 -10.64 19.97
CA ILE A 15 -18.79 -11.83 20.78
C ILE A 15 -18.81 -11.50 22.27
N ASN A 16 -18.05 -10.50 22.68
CA ASN A 16 -18.11 -9.96 24.03
C ASN A 16 -18.97 -8.72 24.01
N LEU A 17 -20.02 -8.72 24.84
CA LEU A 17 -21.02 -7.66 24.83
C LEU A 17 -21.03 -6.96 26.18
N HIS A 18 -20.95 -5.64 26.16
CA HIS A 18 -20.85 -4.82 27.37
C HIS A 18 -22.11 -4.00 27.53
N THR A 19 -22.94 -4.39 28.51
CA THR A 19 -24.15 -3.64 28.85
C THR A 19 -23.79 -2.18 29.10
N GLN A 20 -24.61 -1.27 28.58
CA GLN A 20 -24.40 0.16 28.81
C GLN A 20 -25.74 0.85 28.92
N VAL A 21 -26.00 1.48 30.07
CA VAL A 21 -27.14 2.38 30.21
C VAL A 21 -26.73 3.72 29.62
N VAL A 22 -27.50 4.20 28.65
CA VAL A 22 -27.19 5.45 27.96
C VAL A 22 -28.37 6.40 28.08
N ASP A 23 -28.07 7.68 28.23
CA ASP A 23 -29.10 8.69 28.33
C ASP A 23 -29.62 9.03 26.94
N MET A 24 -30.94 9.15 26.83
CA MET A 24 -31.55 9.56 25.58
C MET A 24 -31.48 11.06 25.36
N SER A 25 -30.86 11.80 26.29
CA SER A 25 -30.70 13.24 26.13
C SER A 25 -29.57 13.59 25.17
N MET A 26 -28.61 12.68 24.96
CA MET A 26 -27.44 12.98 24.16
C MET A 26 -27.17 11.84 23.18
N THR A 27 -26.39 12.16 22.14
CA THR A 27 -26.11 11.23 21.07
C THR A 27 -25.29 10.04 21.56
N TYR A 28 -25.21 9.02 20.71
CA TYR A 28 -24.32 7.90 20.98
C TYR A 28 -22.86 8.33 20.94
N GLY A 29 -22.55 9.36 20.16
CA GLY A 29 -21.18 9.82 20.06
C GLY A 29 -20.68 10.44 21.34
N GLN A 30 -21.51 11.28 21.98
CA GLN A 30 -21.13 11.89 23.23
C GLN A 30 -20.95 10.90 24.37
N GLN A 31 -21.35 9.64 24.17
CA GLN A 31 -21.27 8.62 25.21
C GLN A 31 -20.40 7.44 24.87
N PHE A 32 -20.12 7.18 23.59
CA PHE A 32 -19.29 6.06 23.19
C PHE A 32 -18.18 6.42 22.21
N GLY A 33 -18.22 7.60 21.60
CA GLY A 33 -17.40 7.89 20.44
C GLY A 33 -18.17 7.49 19.19
N PRO A 34 -17.46 7.21 18.10
CA PRO A 34 -18.14 6.73 16.89
C PRO A 34 -18.84 5.40 17.14
N THR A 35 -20.15 5.38 16.88
CA THR A 35 -21.01 4.22 17.11
C THR A 35 -21.66 3.79 15.81
N TYR A 36 -21.90 2.48 15.67
CA TYR A 36 -22.49 1.92 14.46
C TYR A 36 -23.53 0.89 14.83
N LEU A 37 -24.65 0.89 14.09
CA LEU A 37 -25.71 -0.08 14.25
C LEU A 37 -25.95 -0.77 12.91
N ASP A 38 -25.52 -2.02 12.79
CA ASP A 38 -25.64 -2.79 11.56
C ASP A 38 -25.01 -2.05 10.39
N GLY A 39 -23.86 -1.42 10.64
CA GLY A 39 -23.14 -0.67 9.65
C GLY A 39 -23.52 0.79 9.55
N ALA A 40 -24.71 1.16 10.02
CA ALA A 40 -25.16 2.54 9.93
C ALA A 40 -24.49 3.39 11.00
N ASP A 41 -24.00 4.57 10.59
CA ASP A 41 -23.38 5.50 11.52
C ASP A 41 -24.47 6.22 12.32
N VAL A 42 -24.59 5.89 13.59
CA VAL A 42 -25.57 6.51 14.47
C VAL A 42 -24.89 7.39 15.53
N THR A 43 -23.68 7.87 15.21
CA THR A 43 -22.87 8.57 16.21
C THR A 43 -23.52 9.89 16.64
N LYS A 44 -24.15 10.61 15.72
CA LYS A 44 -24.84 11.85 16.03
C LYS A 44 -26.35 11.65 16.19
N ILE A 45 -26.80 10.41 16.35
CA ILE A 45 -28.20 10.13 16.64
C ILE A 45 -28.35 9.85 18.12
N LYS A 46 -29.37 10.44 18.73
CA LYS A 46 -29.67 10.12 20.13
C LYS A 46 -30.52 8.85 20.21
N PRO A 47 -30.34 8.06 21.25
CA PRO A 47 -31.01 6.74 21.31
C PRO A 47 -32.53 6.86 21.29
N HIS A 48 -33.15 6.06 20.43
CA HIS A 48 -34.60 5.92 20.41
C HIS A 48 -35.04 4.89 21.44
N ASN A 49 -36.36 4.74 21.58
CA ASN A 49 -36.89 3.59 22.30
C ASN A 49 -36.70 2.32 21.49
N SER A 50 -36.62 2.44 20.16
CA SER A 50 -36.47 1.29 19.28
C SER A 50 -35.09 0.65 19.36
N HIS A 51 -34.14 1.26 20.09
CA HIS A 51 -32.78 0.75 20.17
C HIS A 51 -32.54 -0.15 21.37
N GLU A 52 -33.42 -0.12 22.36
CA GLU A 52 -33.19 -0.86 23.59
C GLU A 52 -33.01 -2.35 23.31
N GLY A 53 -31.96 -2.93 23.90
CA GLY A 53 -31.63 -4.32 23.71
C GLY A 53 -30.78 -4.61 22.50
N LYS A 54 -30.60 -3.65 21.60
CA LYS A 54 -29.81 -3.88 20.40
C LYS A 54 -28.31 -3.74 20.69
N THR A 55 -27.51 -4.29 19.79
CA THR A 55 -26.07 -4.29 19.91
C THR A 55 -25.46 -3.29 18.94
N PHE A 56 -24.59 -2.42 19.44
CA PHE A 56 -23.91 -1.42 18.62
C PHE A 56 -22.43 -1.73 18.52
N TYR A 57 -21.81 -1.24 17.45
CA TYR A 57 -20.37 -1.29 17.27
C TYR A 57 -19.77 0.07 17.56
N VAL A 58 -18.62 0.08 18.22
CA VAL A 58 -17.90 1.31 18.53
C VAL A 58 -16.40 1.07 18.40
N LEU A 59 -15.65 2.16 18.28
CA LEU A 59 -14.21 2.06 18.24
C LEU A 59 -13.65 1.74 19.62
N PRO A 60 -12.49 1.09 19.70
CA PRO A 60 -11.91 0.77 21.01
C PRO A 60 -11.58 2.02 21.81
N ASN A 61 -12.11 2.07 23.03
CA ASN A 61 -11.90 3.18 23.94
C ASN A 61 -11.25 2.77 25.25
N ASP A 62 -11.20 1.47 25.56
CA ASP A 62 -10.67 0.97 26.82
C ASP A 62 -9.68 -0.15 26.55
N ASP A 63 -9.05 -0.62 27.62
CA ASP A 63 -8.07 -1.70 27.51
C ASP A 63 -8.70 -2.94 26.90
N THR A 64 -9.76 -3.47 27.53
CA THR A 64 -10.42 -4.65 26.99
C THR A 64 -11.11 -4.37 25.67
N LEU A 65 -11.61 -3.14 25.47
CA LEU A 65 -12.15 -2.77 24.17
C LEU A 65 -11.06 -2.78 23.11
N ARG A 66 -9.86 -2.34 23.46
CA ARG A 66 -8.73 -2.45 22.54
C ARG A 66 -8.22 -3.88 22.46
N VAL A 67 -8.33 -4.63 23.56
CA VAL A 67 -7.84 -6.02 23.56
C VAL A 67 -8.75 -6.91 22.72
N GLU A 68 -10.07 -6.73 22.85
CA GLU A 68 -11.00 -7.53 22.07
C GLU A 68 -10.85 -7.26 20.57
N ALA A 69 -10.65 -5.99 20.20
CA ALA A 69 -10.49 -5.65 18.79
C ALA A 69 -9.26 -6.29 18.19
N PHE A 70 -8.18 -6.45 18.98
CA PHE A 70 -6.97 -7.07 18.46
C PHE A 70 -7.07 -8.60 18.48
N GLU A 71 -7.77 -9.17 19.45
CA GLU A 71 -7.92 -10.63 19.47
C GLU A 71 -8.67 -11.12 18.24
N TYR A 72 -9.60 -10.31 17.74
CA TYR A 72 -10.46 -10.70 16.62
C TYR A 72 -9.88 -10.29 15.27
N TYR A 73 -9.52 -9.02 15.12
CA TYR A 73 -9.07 -8.48 13.84
C TYR A 73 -7.55 -8.46 13.69
N HIS A 74 -6.80 -8.69 14.78
CA HIS A 74 -5.34 -8.64 14.76
C HIS A 74 -4.84 -7.27 14.33
N THR A 75 -5.49 -6.23 14.86
CA THR A 75 -5.06 -4.86 14.65
C THR A 75 -5.37 -4.06 15.92
N THR A 76 -4.58 -3.01 16.14
CA THR A 76 -4.82 -2.07 17.23
C THR A 76 -5.17 -0.68 16.72
N ASP A 77 -5.25 -0.49 15.41
CA ASP A 77 -5.73 0.76 14.85
C ASP A 77 -7.22 0.91 15.15
N PRO A 78 -7.63 1.90 15.95
CA PRO A 78 -9.07 2.06 16.22
C PRO A 78 -9.86 2.49 15.00
N SER A 79 -9.21 3.05 13.99
CA SER A 79 -9.89 3.44 12.76
C SER A 79 -10.27 2.23 11.90
N PHE A 80 -9.84 1.03 12.29
CA PHE A 80 -10.15 -0.16 11.50
C PHE A 80 -11.67 -0.40 11.46
N LEU A 81 -12.30 -0.48 12.63
CA LEU A 81 -13.73 -0.73 12.67
C LEU A 81 -14.53 0.40 12.03
N GLY A 82 -13.99 1.61 12.06
CA GLY A 82 -14.64 2.72 11.35
C GLY A 82 -14.69 2.49 9.86
N ARG A 83 -13.67 1.85 9.30
CA ARG A 83 -13.69 1.47 7.90
C ARG A 83 -14.40 0.14 7.69
N TYR A 84 -14.32 -0.77 8.66
CA TYR A 84 -14.95 -2.08 8.53
C TYR A 84 -16.46 -1.95 8.40
N MET A 85 -17.10 -1.27 9.36
CA MET A 85 -18.55 -1.18 9.35
C MET A 85 -19.06 -0.17 8.33
N SER A 86 -18.29 0.89 8.04
CA SER A 86 -18.69 1.81 6.99
C SER A 86 -18.72 1.11 5.63
N ALA A 87 -17.86 0.11 5.43
CA ALA A 87 -17.88 -0.66 4.19
C ALA A 87 -18.99 -1.71 4.22
N LEU A 88 -19.22 -2.33 5.39
CA LEU A 88 -20.31 -3.29 5.50
C LEU A 88 -21.66 -2.61 5.31
N ASN A 89 -21.75 -1.30 5.58
CA ASN A 89 -22.96 -0.57 5.29
C ASN A 89 -23.26 -0.53 3.79
N HIS A 90 -22.25 -0.76 2.96
CA HIS A 90 -22.44 -0.91 1.51
C HIS A 90 -22.48 -2.36 1.07
N THR A 91 -21.54 -3.18 1.56
CA THR A 91 -21.45 -4.56 1.10
C THR A 91 -22.62 -5.42 1.55
N LYS A 92 -23.35 -5.01 2.59
CA LYS A 92 -24.54 -5.74 2.97
C LYS A 92 -25.69 -5.52 1.99
N LYS A 93 -25.61 -4.46 1.18
CA LYS A 93 -26.61 -4.19 0.15
C LYS A 93 -26.16 -4.61 -1.23
N TRP A 94 -25.03 -5.31 -1.34
CA TRP A 94 -24.65 -5.98 -2.57
C TRP A 94 -25.39 -7.31 -2.68
N LYS A 95 -25.41 -7.85 -3.90
CA LYS A 95 -25.98 -9.16 -4.17
C LYS A 95 -24.86 -10.15 -4.47
N TYR A 96 -24.98 -11.35 -3.89
CA TYR A 96 -23.93 -12.36 -3.95
C TYR A 96 -24.47 -13.63 -4.61
N PRO A 97 -24.52 -13.66 -5.94
CA PRO A 97 -25.04 -14.84 -6.63
C PRO A 97 -24.03 -15.98 -6.66
N GLN A 98 -24.56 -17.18 -6.91
CA GLN A 98 -23.76 -18.38 -7.07
C GLN A 98 -23.54 -18.63 -8.56
N VAL A 99 -22.32 -18.38 -9.02
CA VAL A 99 -21.96 -18.52 -10.43
C VAL A 99 -20.98 -19.67 -10.55
N ASN A 100 -21.37 -20.72 -11.27
CA ASN A 100 -20.53 -21.89 -11.51
C ASN A 100 -20.02 -22.50 -10.21
N GLY A 101 -20.88 -22.51 -9.18
CA GLY A 101 -20.55 -23.13 -7.92
C GLY A 101 -19.71 -22.30 -6.97
N LEU A 102 -19.51 -21.02 -7.25
CA LEU A 102 -18.74 -20.15 -6.38
C LEU A 102 -19.56 -18.90 -6.05
N THR A 103 -19.24 -18.28 -4.93
CA THR A 103 -19.89 -17.04 -4.54
C THR A 103 -19.23 -15.87 -5.25
N SER A 104 -20.00 -15.18 -6.10
CA SER A 104 -19.54 -14.01 -6.81
C SER A 104 -20.28 -12.78 -6.28
N ILE A 105 -19.99 -11.63 -6.87
CA ILE A 105 -20.64 -10.37 -6.52
C ILE A 105 -21.16 -9.72 -7.78
N LYS A 106 -22.43 -9.35 -7.77
CA LYS A 106 -22.96 -8.49 -8.83
C LYS A 106 -22.22 -7.17 -8.81
N TRP A 107 -21.99 -6.61 -10.01
CA TRP A 107 -21.20 -5.39 -10.12
C TRP A 107 -21.81 -4.26 -9.31
N ALA A 108 -20.95 -3.54 -8.59
CA ALA A 108 -21.35 -2.36 -7.82
C ALA A 108 -20.13 -1.65 -7.24
N ASP A 109 -20.00 -0.35 -7.52
CA ASP A 109 -18.95 0.49 -6.94
C ASP A 109 -17.55 -0.06 -7.25
N ASN A 110 -17.35 -0.49 -8.49
CA ASN A 110 -16.04 -0.99 -8.96
C ASN A 110 -15.53 -2.14 -8.09
N ASN A 111 -16.40 -3.11 -7.83
CA ASN A 111 -16.04 -4.24 -6.98
C ASN A 111 -15.52 -5.43 -7.78
N CYS A 112 -15.08 -5.20 -9.02
CA CYS A 112 -14.55 -6.28 -9.83
C CYS A 112 -13.33 -6.92 -9.18
N TYR A 113 -12.39 -6.09 -8.72
CA TYR A 113 -11.19 -6.62 -8.09
C TYR A 113 -11.51 -7.42 -6.83
N LEU A 114 -12.54 -7.03 -6.09
CA LEU A 114 -12.98 -7.85 -4.97
C LEU A 114 -13.68 -9.11 -5.44
N ALA A 115 -14.53 -8.99 -6.46
CA ALA A 115 -15.18 -10.18 -7.02
C ALA A 115 -14.16 -11.19 -7.52
N THR A 116 -13.18 -10.72 -8.30
CA THR A 116 -12.16 -11.62 -8.82
C THR A 116 -11.31 -12.20 -7.68
N ALA A 117 -11.00 -11.38 -6.67
CA ALA A 117 -10.30 -11.89 -5.51
C ALA A 117 -11.16 -12.91 -4.75
N LEU A 118 -12.42 -12.55 -4.50
CA LEU A 118 -13.33 -13.44 -3.77
C LEU A 118 -13.42 -14.81 -4.43
N LEU A 119 -13.61 -14.84 -5.75
CA LEU A 119 -13.67 -16.11 -6.46
C LEU A 119 -12.36 -16.87 -6.36
N THR A 120 -11.23 -16.15 -6.32
CA THR A 120 -9.94 -16.81 -6.24
C THR A 120 -9.71 -17.42 -4.86
N LEU A 121 -10.13 -16.72 -3.81
CA LEU A 121 -9.95 -17.23 -2.46
C LEU A 121 -10.67 -18.56 -2.27
N GLN A 122 -11.78 -18.77 -2.97
CA GLN A 122 -12.55 -20.01 -2.86
C GLN A 122 -11.95 -21.15 -3.67
N GLN A 123 -10.80 -20.96 -4.32
CA GLN A 123 -10.20 -22.00 -5.13
C GLN A 123 -8.78 -22.35 -4.73
N ILE A 124 -8.20 -21.65 -3.75
CA ILE A 124 -6.89 -21.96 -3.23
C ILE A 124 -7.02 -22.23 -1.74
N GLU A 125 -6.07 -23.00 -1.20
CA GLU A 125 -6.12 -23.40 0.20
C GLU A 125 -5.58 -22.28 1.08
N LEU A 126 -6.45 -21.65 1.85
CA LEU A 126 -6.05 -20.56 2.74
C LEU A 126 -6.62 -20.79 4.12
N LYS A 127 -5.75 -20.75 5.13
CA LYS A 127 -6.15 -20.80 6.53
C LYS A 127 -5.79 -19.45 7.15
N PHE A 128 -6.82 -18.71 7.56
CA PHE A 128 -6.62 -17.33 7.99
C PHE A 128 -6.30 -17.25 9.48
N ASN A 129 -5.50 -16.26 9.84
CA ASN A 129 -5.06 -16.07 11.22
C ASN A 129 -6.11 -15.33 12.05
N PRO A 130 -6.56 -14.14 11.66
CA PRO A 130 -7.53 -13.42 12.50
C PRO A 130 -8.86 -14.15 12.53
N PRO A 131 -9.42 -14.39 13.72
CA PRO A 131 -10.74 -15.05 13.80
C PRO A 131 -11.81 -14.34 13.00
N ALA A 132 -11.69 -13.02 12.84
CA ALA A 132 -12.66 -12.28 12.01
C ALA A 132 -12.63 -12.77 10.57
N LEU A 133 -11.43 -13.02 10.04
CA LEU A 133 -11.32 -13.46 8.65
C LEU A 133 -11.82 -14.89 8.48
N GLN A 134 -11.41 -15.80 9.37
CA GLN A 134 -11.83 -17.19 9.24
C GLN A 134 -13.32 -17.34 9.43
N ASP A 135 -13.94 -16.49 10.26
CA ASP A 135 -15.39 -16.54 10.41
C ASP A 135 -16.08 -16.03 9.16
N ALA A 136 -15.66 -14.87 8.66
CA ALA A 136 -16.31 -14.27 7.49
C ALA A 136 -16.02 -15.05 6.22
N TYR A 137 -14.86 -15.72 6.14
CA TYR A 137 -14.55 -16.49 4.95
C TYR A 137 -15.45 -17.71 4.82
N TYR A 138 -15.79 -18.34 5.94
CA TYR A 138 -16.68 -19.50 5.89
C TYR A 138 -18.10 -19.08 5.52
N ARG A 139 -18.54 -17.93 6.02
CA ARG A 139 -19.84 -17.40 5.61
C ARG A 139 -19.82 -16.87 4.18
N ALA A 140 -18.64 -16.50 3.67
CA ALA A 140 -18.54 -16.09 2.28
C ALA A 140 -18.73 -17.28 1.35
N ARG A 141 -18.14 -18.42 1.68
CA ARG A 141 -18.35 -19.63 0.89
C ARG A 141 -19.80 -20.10 0.97
N ALA A 142 -20.49 -19.76 2.04
CA ALA A 142 -21.89 -20.14 2.21
C ALA A 142 -22.84 -19.25 1.43
N GLY A 143 -22.35 -18.19 0.79
CA GLY A 143 -23.19 -17.29 0.02
C GLY A 143 -23.39 -15.92 0.64
N GLU A 144 -22.84 -15.67 1.82
CA GLU A 144 -22.96 -14.38 2.49
C GLU A 144 -21.56 -13.82 2.71
N ALA A 145 -21.04 -13.14 1.69
CA ALA A 145 -19.71 -12.54 1.74
C ALA A 145 -19.76 -11.08 2.18
N ALA A 146 -20.89 -10.61 2.69
CA ALA A 146 -21.06 -9.18 3.00
C ALA A 146 -20.01 -8.72 4.01
N ASN A 147 -19.77 -9.51 5.06
CA ASN A 147 -18.77 -9.14 6.05
C ASN A 147 -17.37 -9.58 5.64
N PHE A 148 -17.24 -10.57 4.75
CA PHE A 148 -15.91 -10.97 4.28
C PHE A 148 -15.29 -9.87 3.42
N CYS A 149 -16.07 -9.32 2.48
CA CYS A 149 -15.56 -8.23 1.66
C CYS A 149 -15.41 -6.94 2.46
N ALA A 150 -16.31 -6.71 3.43
CA ALA A 150 -16.15 -5.55 4.30
C ALA A 150 -14.83 -5.62 5.06
N LEU A 151 -14.47 -6.80 5.54
CA LEU A 151 -13.19 -6.97 6.22
C LEU A 151 -12.02 -6.78 5.26
N ILE A 152 -12.14 -7.30 4.04
CA ILE A 152 -11.06 -7.20 3.07
C ILE A 152 -10.76 -5.73 2.75
N LEU A 153 -11.80 -4.94 2.54
CA LEU A 153 -11.59 -3.53 2.22
C LEU A 153 -10.94 -2.80 3.40
N ALA A 154 -11.36 -3.13 4.64
CA ALA A 154 -10.75 -2.51 5.80
C ALA A 154 -9.31 -2.95 5.96
N TYR A 155 -9.03 -4.23 5.77
CA TYR A 155 -7.66 -4.72 5.87
C TYR A 155 -6.76 -4.12 4.79
N CYS A 156 -7.32 -3.84 3.62
CA CYS A 156 -6.55 -3.28 2.51
C CYS A 156 -6.54 -1.76 2.51
N ASN A 157 -7.13 -1.12 3.52
CA ASN A 157 -7.22 0.34 3.58
C ASN A 157 -7.84 0.90 2.31
N LYS A 158 -8.93 0.27 1.87
CA LYS A 158 -9.66 0.69 0.69
C LYS A 158 -11.13 0.87 1.03
N THR A 159 -11.76 1.84 0.39
CA THR A 159 -13.17 2.16 0.63
C THR A 159 -14.04 1.67 -0.53
N VAL A 160 -15.33 1.55 -0.24
CA VAL A 160 -16.29 1.16 -1.26
C VAL A 160 -16.30 2.21 -2.36
N GLY A 161 -16.24 1.74 -3.61
CA GLY A 161 -16.17 2.61 -4.76
C GLY A 161 -14.77 2.89 -5.26
N GLU A 162 -13.75 2.52 -4.49
CA GLU A 162 -12.38 2.74 -4.90
C GLU A 162 -11.94 1.70 -5.91
N LEU A 163 -11.26 2.15 -6.96
CA LEU A 163 -10.63 1.25 -7.89
C LEU A 163 -9.54 0.45 -7.18
N GLY A 164 -9.48 -0.85 -7.44
CA GLY A 164 -8.60 -1.75 -6.70
C GLY A 164 -7.78 -2.65 -7.61
N ASP A 165 -6.88 -3.40 -6.97
CA ASP A 165 -5.96 -4.30 -7.65
C ASP A 165 -6.06 -5.68 -7.00
N VAL A 166 -6.22 -6.72 -7.83
CA VAL A 166 -6.43 -8.06 -7.31
C VAL A 166 -5.17 -8.57 -6.62
N ARG A 167 -4.01 -8.40 -7.25
CA ARG A 167 -2.77 -8.89 -6.68
C ARG A 167 -2.49 -8.23 -5.33
N GLU A 168 -2.69 -6.92 -5.25
CA GLU A 168 -2.53 -6.23 -3.97
C GLU A 168 -3.47 -6.80 -2.91
N THR A 169 -4.73 -7.02 -3.30
CA THR A 169 -5.72 -7.56 -2.36
C THR A 169 -5.26 -8.89 -1.78
N MET A 170 -4.89 -9.84 -2.65
CA MET A 170 -4.41 -11.12 -2.16
C MET A 170 -3.12 -10.95 -1.35
N SER A 171 -2.27 -10.02 -1.77
CA SER A 171 -1.05 -9.74 -1.02
C SER A 171 -1.36 -9.34 0.41
N TYR A 172 -2.35 -8.47 0.61
CA TYR A 172 -2.72 -8.05 1.95
C TYR A 172 -3.34 -9.20 2.74
N LEU A 173 -4.27 -9.93 2.11
CA LEU A 173 -4.89 -11.06 2.79
C LEU A 173 -3.89 -12.16 3.09
N PHE A 174 -2.87 -12.32 2.24
CA PHE A 174 -1.88 -13.37 2.46
C PHE A 174 -1.11 -13.12 3.75
N GLN A 175 -0.80 -11.86 4.05
CA GLN A 175 -0.10 -11.54 5.30
C GLN A 175 -0.93 -11.91 6.52
N HIS A 176 -2.26 -11.88 6.40
CA HIS A 176 -3.15 -12.28 7.47
C HIS A 176 -3.49 -13.76 7.42
N ALA A 177 -2.77 -14.54 6.63
CA ALA A 177 -2.97 -15.98 6.53
C ALA A 177 -1.71 -16.70 6.99
N ASN A 178 -1.88 -17.94 7.43
CA ASN A 178 -0.75 -18.75 7.90
C ASN A 178 -0.16 -19.49 6.71
N LEU A 179 0.85 -18.89 6.08
CA LEU A 179 1.65 -19.52 5.05
C LEU A 179 3.06 -19.82 5.54
N ASP A 180 3.18 -20.08 6.84
CA ASP A 180 4.51 -20.28 7.44
C ASP A 180 5.22 -21.47 6.83
N SER A 181 4.51 -22.56 6.58
CA SER A 181 5.13 -23.78 6.07
C SER A 181 5.44 -23.71 4.57
N CYS A 182 5.17 -22.59 3.92
CA CYS A 182 5.43 -22.45 2.49
C CYS A 182 6.88 -22.03 2.26
N LYS A 183 7.55 -22.68 1.31
CA LYS A 183 8.97 -22.52 1.08
C LYS A 183 9.26 -22.37 -0.41
N ARG A 184 10.21 -21.52 -0.75
CA ARG A 184 10.67 -21.38 -2.13
C ARG A 184 12.17 -21.18 -2.15
N VAL A 185 12.84 -21.89 -3.05
CA VAL A 185 14.28 -21.79 -3.24
C VAL A 185 14.53 -21.39 -4.69
N LEU A 186 15.23 -20.29 -4.90
CA LEU A 186 15.54 -19.79 -6.22
C LEU A 186 17.05 -19.73 -6.41
N ASN A 187 17.48 -19.86 -7.66
CA ASN A 187 18.90 -19.73 -8.01
C ASN A 187 19.05 -18.77 -9.17
N VAL A 188 19.95 -17.80 -9.01
CA VAL A 188 20.27 -16.81 -10.03
C VAL A 188 21.71 -17.04 -10.46
N VAL A 189 21.96 -17.04 -11.77
CA VAL A 189 23.30 -17.08 -12.31
C VAL A 189 23.43 -16.00 -13.38
N CYS A 190 24.38 -15.08 -13.17
CA CYS A 190 24.85 -14.20 -14.21
C CYS A 190 26.27 -14.61 -14.56
N LYS A 191 26.58 -14.63 -15.85
CA LYS A 191 27.89 -15.07 -16.32
C LYS A 191 29.00 -14.11 -15.93
N THR A 192 28.66 -12.98 -15.31
CA THR A 192 29.63 -12.03 -14.77
C THR A 192 29.49 -11.81 -13.27
N CYS A 193 28.29 -11.94 -12.70
CA CYS A 193 28.15 -11.90 -11.24
C CYS A 193 28.41 -13.23 -10.56
N GLY A 194 28.11 -14.35 -11.23
CA GLY A 194 28.33 -15.66 -10.64
C GLY A 194 27.04 -16.40 -10.31
N GLN A 195 27.11 -17.29 -9.32
CA GLN A 195 25.96 -18.06 -8.88
C GLN A 195 25.60 -17.73 -7.45
N GLN A 196 24.29 -17.73 -7.16
CA GLN A 196 23.80 -17.46 -5.81
C GLN A 196 22.42 -18.08 -5.66
N GLN A 197 22.16 -18.62 -4.46
CA GLN A 197 20.90 -19.25 -4.14
C GLN A 197 20.23 -18.50 -2.99
N THR A 198 18.90 -18.49 -2.99
CA THR A 198 18.13 -17.82 -1.96
C THR A 198 16.93 -18.69 -1.58
N THR A 199 16.51 -18.56 -0.32
CA THR A 199 15.36 -19.29 0.19
C THR A 199 14.37 -18.29 0.77
N LEU A 200 13.15 -18.30 0.26
CA LEU A 200 12.09 -17.41 0.72
C LEU A 200 11.02 -18.21 1.44
N LYS A 201 10.46 -17.62 2.49
CA LYS A 201 9.44 -18.27 3.30
C LYS A 201 8.17 -17.42 3.35
N GLY A 202 7.04 -18.09 3.52
CA GLY A 202 5.79 -17.39 3.73
C GLY A 202 5.27 -16.72 2.47
N VAL A 203 4.78 -15.49 2.63
CA VAL A 203 4.03 -14.82 1.57
C VAL A 203 4.89 -14.61 0.34
N GLU A 204 6.18 -14.31 0.54
CA GLU A 204 7.07 -14.17 -0.61
C GLU A 204 7.34 -15.48 -1.31
N ALA A 205 6.96 -16.62 -0.72
CA ALA A 205 7.21 -17.91 -1.35
C ALA A 205 6.10 -18.31 -2.31
N VAL A 206 4.93 -17.67 -2.24
CA VAL A 206 3.80 -18.02 -3.10
C VAL A 206 3.49 -16.95 -4.13
N MET A 207 4.24 -15.85 -4.16
CA MET A 207 3.97 -14.75 -5.07
C MET A 207 5.20 -14.43 -5.89
N TYR A 208 5.01 -14.20 -7.19
CA TYR A 208 6.07 -13.76 -8.07
C TYR A 208 5.50 -12.78 -9.09
N MET A 209 6.23 -11.69 -9.32
CA MET A 209 5.85 -10.69 -10.31
C MET A 209 6.93 -10.66 -11.38
N GLY A 210 6.54 -10.95 -12.63
CA GLY A 210 7.49 -11.01 -13.72
C GLY A 210 7.03 -11.85 -14.89
N THR A 211 6.30 -12.92 -14.60
CA THR A 211 5.81 -13.82 -15.63
C THR A 211 4.56 -14.54 -15.14
N LEU A 212 3.73 -14.94 -16.09
CA LEU A 212 2.52 -15.69 -15.77
C LEU A 212 2.72 -17.20 -15.85
N SER A 213 3.76 -17.65 -16.56
CA SER A 213 3.98 -19.06 -16.82
C SER A 213 4.74 -19.71 -15.66
N TYR A 214 4.08 -20.64 -14.96
CA TYR A 214 4.77 -21.43 -13.95
C TYR A 214 5.84 -22.31 -14.58
N GLU A 215 5.59 -22.80 -15.80
CA GLU A 215 6.57 -23.61 -16.50
C GLU A 215 7.84 -22.81 -16.80
N GLN A 216 7.68 -21.56 -17.27
CA GLN A 216 8.83 -20.73 -17.56
C GLN A 216 9.63 -20.43 -16.31
N PHE A 217 8.95 -20.20 -15.18
CA PHE A 217 9.63 -19.99 -13.91
C PHE A 217 10.57 -21.16 -13.60
N LYS A 218 10.13 -22.39 -13.94
CA LYS A 218 10.97 -23.56 -13.70
C LYS A 218 12.13 -23.62 -14.69
N LYS A 219 11.86 -23.36 -15.97
CA LYS A 219 12.94 -23.37 -16.95
C LYS A 219 13.93 -22.23 -16.70
N GLY A 220 13.44 -21.09 -16.24
CA GLY A 220 14.29 -19.94 -16.02
C GLY A 220 13.82 -18.71 -16.77
N VAL A 221 13.82 -17.56 -16.10
CA VAL A 221 13.42 -16.30 -16.71
C VAL A 221 14.64 -15.39 -16.78
N GLN A 222 14.64 -14.50 -17.77
CA GLN A 222 15.72 -13.55 -17.97
C GLN A 222 15.47 -12.32 -17.11
N ILE A 223 16.39 -12.06 -16.18
CA ILE A 223 16.28 -10.90 -15.30
C ILE A 223 17.57 -10.08 -15.39
N PRO A 224 17.51 -8.77 -15.20
CA PRO A 224 18.74 -7.97 -15.18
C PRO A 224 19.49 -8.15 -13.87
N CYS A 225 20.80 -8.38 -13.97
CA CYS A 225 21.71 -8.22 -12.86
C CYS A 225 22.39 -6.87 -12.98
N THR A 226 22.92 -6.37 -11.88
CA THR A 226 23.64 -5.10 -11.94
C THR A 226 25.04 -5.25 -12.50
N CYS A 227 25.37 -6.43 -13.03
CA CYS A 227 26.46 -6.55 -13.99
C CYS A 227 26.29 -5.59 -15.15
N GLY A 228 25.04 -5.29 -15.51
CA GLY A 228 24.67 -4.81 -16.81
C GLY A 228 24.12 -5.90 -17.70
N LYS A 229 24.51 -7.15 -17.45
CA LYS A 229 24.10 -8.31 -18.21
C LYS A 229 22.73 -8.82 -17.75
N GLN A 230 22.13 -9.68 -18.58
CA GLN A 230 20.96 -10.44 -18.17
C GLN A 230 21.39 -11.70 -17.45
N ALA A 231 20.70 -12.02 -16.36
CA ALA A 231 20.90 -13.25 -15.62
C ALA A 231 19.66 -14.13 -15.76
N THR A 232 19.81 -15.39 -15.37
CA THR A 232 18.71 -16.35 -15.42
C THR A 232 18.37 -16.79 -14.00
N LYS A 233 17.14 -16.50 -13.58
CA LYS A 233 16.60 -16.96 -12.31
C LYS A 233 15.61 -18.07 -12.59
N TYR A 234 15.73 -19.18 -11.85
CA TYR A 234 14.83 -20.30 -12.05
C TYR A 234 14.46 -20.90 -10.70
N LEU A 235 13.31 -21.57 -10.68
CA LEU A 235 12.76 -22.16 -9.46
C LEU A 235 13.49 -23.45 -9.13
N VAL A 236 14.13 -23.49 -7.97
CA VAL A 236 14.84 -24.69 -7.54
C VAL A 236 13.94 -25.65 -6.78
N GLN A 237 13.09 -25.12 -5.90
CA GLN A 237 12.24 -25.94 -5.06
C GLN A 237 11.06 -25.12 -4.58
N GLN A 238 9.86 -25.71 -4.64
CA GLN A 238 8.64 -25.04 -4.23
C GLN A 238 7.85 -25.95 -3.31
N GLU A 239 7.41 -25.42 -2.16
CA GLU A 239 6.64 -26.18 -1.19
C GLU A 239 5.45 -25.33 -0.77
N SER A 240 4.30 -25.53 -1.43
CA SER A 240 3.14 -24.70 -1.19
C SER A 240 1.89 -25.39 -1.74
N PRO A 241 0.70 -25.10 -1.20
CA PRO A 241 -0.52 -25.58 -1.84
C PRO A 241 -0.83 -24.87 -3.16
N PHE A 242 -0.32 -23.65 -3.35
CA PHE A 242 -0.56 -22.92 -4.60
C PHE A 242 0.61 -21.99 -4.84
N VAL A 243 0.63 -21.41 -6.04
CA VAL A 243 1.57 -20.34 -6.38
C VAL A 243 0.81 -19.31 -7.21
N MET A 244 1.09 -18.03 -6.98
CA MET A 244 0.47 -16.95 -7.75
C MET A 244 1.53 -16.28 -8.61
N MET A 245 1.39 -16.42 -9.93
CA MET A 245 2.27 -15.77 -10.88
C MET A 245 1.60 -14.52 -11.43
N SER A 246 2.33 -13.42 -11.47
CA SER A 246 1.77 -12.15 -11.92
C SER A 246 2.72 -11.47 -12.88
N ALA A 247 2.14 -10.64 -13.75
CA ALA A 247 2.89 -9.85 -14.72
C ALA A 247 2.02 -8.68 -15.15
N PRO A 248 2.63 -7.59 -15.61
CA PRO A 248 1.85 -6.51 -16.21
C PRO A 248 0.98 -7.04 -17.33
N PRO A 249 -0.25 -6.53 -17.46
CA PRO A 249 -1.21 -7.13 -18.40
C PRO A 249 -0.65 -7.22 -19.81
N ALA A 250 -0.90 -8.38 -20.44
CA ALA A 250 -0.51 -8.65 -21.81
C ALA A 250 -1.36 -9.78 -22.33
N GLN A 251 -1.35 -9.96 -23.64
CA GLN A 251 -2.08 -11.07 -24.25
C GLN A 251 -1.44 -12.40 -23.86
N TYR A 252 -2.29 -13.37 -23.52
CA TYR A 252 -1.80 -14.64 -22.97
C TYR A 252 -2.82 -15.73 -23.25
N GLU A 253 -2.33 -16.93 -23.51
CA GLU A 253 -3.18 -18.08 -23.84
C GLU A 253 -3.36 -18.95 -22.60
N LEU A 254 -4.62 -19.15 -22.20
CA LEU A 254 -4.95 -19.97 -21.05
C LEU A 254 -5.48 -21.32 -21.56
N LYS A 255 -4.83 -22.40 -21.14
CA LYS A 255 -5.16 -23.74 -21.60
C LYS A 255 -5.90 -24.49 -20.50
N HIS A 256 -7.02 -25.12 -20.87
CA HIS A 256 -7.82 -25.88 -19.91
C HIS A 256 -6.98 -26.95 -19.23
N GLY A 257 -7.12 -27.03 -17.89
CA GLY A 257 -6.47 -28.07 -17.13
C GLY A 257 -5.02 -27.83 -16.78
N THR A 258 -4.42 -26.73 -17.22
CA THR A 258 -3.04 -26.40 -16.88
C THR A 258 -2.93 -25.36 -15.78
N PHE A 259 -4.05 -24.87 -15.27
CA PHE A 259 -4.04 -23.82 -14.25
C PHE A 259 -5.34 -23.89 -13.47
N THR A 260 -5.37 -23.21 -12.32
CA THR A 260 -6.57 -23.15 -11.51
C THR A 260 -7.47 -21.98 -11.90
N CYS A 261 -6.99 -20.75 -11.71
CA CYS A 261 -7.79 -19.58 -12.08
C CYS A 261 -6.85 -18.46 -12.54
N ALA A 262 -7.45 -17.37 -13.01
CA ALA A 262 -6.67 -16.32 -13.64
C ALA A 262 -7.42 -14.99 -13.59
N SER A 263 -6.65 -13.91 -13.52
CA SER A 263 -7.16 -12.55 -13.46
C SER A 263 -6.99 -11.88 -14.82
N GLU A 264 -8.10 -11.53 -15.46
CA GLU A 264 -8.07 -10.81 -16.72
C GLU A 264 -8.27 -9.32 -16.47
N TYR A 265 -7.37 -8.50 -17.01
CA TYR A 265 -7.42 -7.05 -16.82
C TYR A 265 -7.36 -6.36 -18.17
N THR A 266 -8.45 -5.67 -18.54
CA THR A 266 -8.52 -4.90 -19.77
C THR A 266 -8.54 -3.43 -19.43
N GLY A 267 -7.57 -2.69 -19.91
CA GLY A 267 -7.39 -1.30 -19.59
C GLY A 267 -5.92 -1.01 -19.33
N ASN A 268 -5.67 0.06 -18.57
CA ASN A 268 -4.32 0.46 -18.19
C ASN A 268 -4.23 0.59 -16.68
N TYR A 269 -3.07 1.01 -16.20
CA TYR A 269 -2.86 1.14 -14.76
C TYR A 269 -3.86 2.10 -14.12
N GLN A 270 -4.27 3.13 -14.84
CA GLN A 270 -5.11 4.16 -14.24
C GLN A 270 -6.54 3.68 -14.05
N CYS A 271 -7.10 3.04 -15.08
CA CYS A 271 -8.47 2.56 -15.02
C CYS A 271 -8.62 1.38 -15.96
N GLY A 272 -9.15 0.27 -15.45
CA GLY A 272 -9.33 -0.93 -16.25
C GLY A 272 -10.42 -1.79 -15.65
N HIS A 273 -10.61 -2.97 -16.24
CA HIS A 273 -11.70 -3.86 -15.85
C HIS A 273 -11.15 -5.25 -15.56
N TYR A 274 -11.47 -5.80 -14.39
CA TYR A 274 -11.06 -7.15 -14.02
C TYR A 274 -12.12 -8.16 -14.43
N LYS A 275 -11.66 -9.36 -14.77
CA LYS A 275 -12.52 -10.51 -14.98
C LYS A 275 -11.81 -11.75 -14.44
N HIS A 276 -12.58 -12.80 -14.19
CA HIS A 276 -12.09 -14.03 -13.57
C HIS A 276 -12.25 -15.20 -14.51
N ILE A 277 -11.16 -15.90 -14.78
CA ILE A 277 -11.14 -17.11 -15.60
C ILE A 277 -10.84 -18.30 -14.69
N THR A 278 -11.67 -19.33 -14.78
CA THR A 278 -11.48 -20.56 -14.01
C THR A 278 -11.53 -21.77 -14.92
N SER A 279 -10.60 -22.70 -14.71
CA SER A 279 -10.52 -23.93 -15.47
C SER A 279 -11.35 -25.00 -14.76
N LYS A 280 -12.42 -25.48 -15.41
CA LYS A 280 -13.27 -26.53 -14.86
C LYS A 280 -13.22 -27.68 -15.87
N GLU A 281 -14.37 -28.17 -16.34
CA GLU A 281 -14.36 -29.07 -17.50
C GLU A 281 -14.08 -28.32 -18.79
N THR A 282 -14.37 -27.03 -18.80
CA THR A 282 -13.97 -26.12 -19.86
C THR A 282 -13.62 -24.78 -19.20
N LEU A 283 -13.25 -23.80 -20.01
CA LEU A 283 -12.84 -22.50 -19.49
C LEU A 283 -14.07 -21.60 -19.31
N TYR A 284 -14.31 -21.19 -18.07
CA TYR A 284 -15.41 -20.29 -17.74
C TYR A 284 -14.86 -18.92 -17.38
N CYS A 285 -15.54 -17.87 -17.84
CA CYS A 285 -15.24 -16.50 -17.47
C CYS A 285 -16.37 -15.99 -16.59
N ILE A 286 -16.02 -15.42 -15.44
CA ILE A 286 -16.99 -14.90 -14.49
C ILE A 286 -16.77 -13.41 -14.37
N ASP A 287 -17.80 -12.63 -14.72
CA ASP A 287 -17.75 -11.16 -14.69
C ASP A 287 -18.92 -10.71 -13.83
N GLY A 288 -18.71 -10.60 -12.53
CA GLY A 288 -19.79 -10.35 -11.61
C GLY A 288 -20.79 -11.50 -11.60
N ALA A 289 -22.01 -11.22 -12.04
CA ALA A 289 -23.05 -12.24 -12.15
C ALA A 289 -23.09 -12.88 -13.54
N LEU A 290 -22.23 -12.47 -14.45
CA LEU A 290 -22.26 -12.93 -15.83
C LEU A 290 -21.30 -14.09 -16.02
N LEU A 291 -21.80 -15.18 -16.59
CA LEU A 291 -21.00 -16.39 -16.82
C LEU A 291 -21.01 -16.73 -18.29
N THR A 292 -19.82 -16.74 -18.90
CA THR A 292 -19.62 -17.19 -20.26
C THR A 292 -18.57 -18.29 -20.25
N LYS A 293 -18.41 -18.98 -21.38
CA LYS A 293 -17.45 -20.07 -21.44
C LYS A 293 -16.92 -20.23 -22.85
N SER A 294 -15.79 -20.93 -22.94
CA SER A 294 -15.12 -21.21 -24.21
C SER A 294 -14.14 -22.35 -24.01
N SER A 295 -13.89 -23.09 -25.08
CA SER A 295 -12.94 -24.21 -25.00
C SER A 295 -11.53 -23.71 -24.75
N GLU A 296 -11.08 -22.74 -25.54
CA GLU A 296 -9.79 -22.11 -25.38
C GLU A 296 -9.98 -20.65 -24.97
N TYR A 297 -8.87 -19.98 -24.65
CA TYR A 297 -8.94 -18.60 -24.21
C TYR A 297 -7.67 -17.88 -24.57
N LYS A 298 -7.83 -16.63 -25.03
CA LYS A 298 -6.73 -15.70 -25.20
C LYS A 298 -7.24 -14.31 -24.81
N GLY A 299 -6.49 -13.63 -23.96
CA GLY A 299 -6.87 -12.32 -23.49
C GLY A 299 -5.79 -11.71 -22.62
N PRO A 300 -6.03 -10.50 -22.10
CA PRO A 300 -5.04 -9.83 -21.25
C PRO A 300 -5.10 -10.36 -19.82
N ILE A 301 -4.05 -11.10 -19.43
CA ILE A 301 -4.00 -11.76 -18.13
C ILE A 301 -2.89 -11.13 -17.30
N THR A 302 -3.16 -10.95 -16.01
CA THR A 302 -2.17 -10.38 -15.10
C THR A 302 -1.87 -11.25 -13.88
N ASP A 303 -2.76 -12.16 -13.49
CA ASP A 303 -2.47 -13.16 -12.47
C ASP A 303 -2.94 -14.53 -12.96
N VAL A 304 -2.10 -15.54 -12.75
CA VAL A 304 -2.48 -16.93 -12.97
C VAL A 304 -2.14 -17.71 -11.70
N PHE A 305 -3.12 -18.45 -11.19
CA PHE A 305 -2.95 -19.26 -9.99
C PHE A 305 -2.81 -20.72 -10.38
N TYR A 306 -1.78 -21.38 -9.87
CA TYR A 306 -1.56 -22.80 -10.05
C TYR A 306 -1.59 -23.48 -8.68
N LYS A 307 -2.07 -24.72 -8.65
CA LYS A 307 -2.02 -25.52 -7.45
C LYS A 307 -0.71 -26.29 -7.41
N GLU A 308 -0.16 -26.43 -6.20
CA GLU A 308 1.14 -27.05 -6.02
C GLU A 308 1.09 -28.00 -4.83
N ASN A 309 2.01 -28.96 -4.82
CA ASN A 309 2.27 -29.81 -3.66
C ASN A 309 3.70 -29.57 -3.20
N SER A 310 4.63 -30.22 -3.89
CA SER A 310 6.05 -29.95 -3.72
C SER A 310 6.73 -30.21 -5.06
N TYR A 311 7.72 -29.39 -5.38
CA TYR A 311 8.42 -29.48 -6.65
C TYR A 311 9.91 -29.34 -6.40
N THR A 312 10.70 -30.21 -7.03
CA THR A 312 12.15 -30.08 -7.02
C THR A 312 12.64 -30.16 -8.46
N THR A 313 13.55 -29.25 -8.81
CA THR A 313 13.96 -29.11 -10.20
C THR A 313 14.94 -30.21 -10.59
N THR A 314 15.20 -30.30 -11.89
CA THR A 314 16.13 -31.28 -12.46
C THR A 314 17.35 -30.63 -13.08
N ILE A 315 17.45 -29.30 -13.08
CA ILE A 315 18.60 -28.62 -13.65
C ILE A 315 19.80 -28.73 -12.72
N THR B 5 13.52 12.46 43.80
CA THR B 5 12.65 12.93 42.72
C THR B 5 13.47 13.38 41.52
N ILE B 6 12.83 13.44 40.35
CA ILE B 6 13.47 13.89 39.13
C ILE B 6 12.44 14.65 38.30
N LYS B 7 12.81 15.82 37.81
CA LYS B 7 11.93 16.65 36.99
C LYS B 7 12.36 16.52 35.53
N VAL B 8 11.46 15.98 34.71
CA VAL B 8 11.74 15.72 33.30
C VAL B 8 10.53 16.15 32.47
N PHE B 9 10.68 16.04 31.15
CA PHE B 9 9.68 16.53 30.21
C PHE B 9 9.11 15.36 29.42
N THR B 10 7.79 15.32 29.31
CA THR B 10 7.09 14.36 28.49
C THR B 10 6.47 15.08 27.29
N THR B 11 6.42 14.39 26.16
CA THR B 11 5.93 15.00 24.93
C THR B 11 5.47 13.94 23.96
N VAL B 12 4.63 14.36 23.02
CA VAL B 12 4.35 13.59 21.82
C VAL B 12 4.95 14.24 20.58
N ASP B 13 5.20 15.55 20.60
CA ASP B 13 5.70 16.28 19.45
C ASP B 13 7.17 16.65 19.56
N ASN B 14 7.71 16.73 20.78
CA ASN B 14 9.01 17.34 21.04
C ASN B 14 9.01 18.82 20.69
N ILE B 15 7.82 19.43 20.72
CA ILE B 15 7.69 20.87 20.55
C ILE B 15 6.92 21.41 21.75
N ASN B 16 5.92 20.65 22.19
CA ASN B 16 5.13 20.97 23.38
C ASN B 16 5.54 20.00 24.48
N LEU B 17 6.28 20.50 25.46
CA LEU B 17 6.87 19.68 26.51
C LEU B 17 6.14 19.92 27.82
N HIS B 18 5.71 18.83 28.45
CA HIS B 18 4.96 18.88 29.69
C HIS B 18 5.90 18.63 30.86
N THR B 19 6.08 19.65 31.71
CA THR B 19 6.78 19.43 32.98
C THR B 19 6.07 18.34 33.76
N GLN B 20 6.81 17.29 34.07
CA GLN B 20 6.18 16.17 34.80
C GLN B 20 7.21 15.51 35.71
N VAL B 21 7.25 15.93 36.97
CA VAL B 21 8.18 15.35 37.99
C VAL B 21 7.94 13.85 38.03
N VAL B 22 9.01 13.09 37.82
CA VAL B 22 8.90 11.61 37.89
C VAL B 22 9.56 11.19 39.19
N ASP B 23 9.03 10.15 39.83
CA ASP B 23 9.61 9.62 41.09
C ASP B 23 10.80 8.73 40.75
N MET B 24 11.75 8.59 41.68
CA MET B 24 12.94 7.79 41.44
C MET B 24 12.61 6.30 41.28
N SER B 25 11.44 5.87 41.72
CA SER B 25 11.05 4.48 41.61
C SER B 25 9.94 4.32 40.56
N GLN B 30 6.42 0.55 33.76
CA GLN B 30 6.70 1.97 33.79
C GLN B 30 5.79 2.71 34.76
N GLN B 31 5.77 4.04 34.67
CA GLN B 31 4.87 4.85 35.47
C GLN B 31 4.32 6.04 34.70
N PHE B 32 4.57 6.13 33.38
CA PHE B 32 4.01 7.17 32.55
C PHE B 32 3.53 6.63 31.21
N GLY B 33 3.64 5.33 30.99
CA GLY B 33 3.34 4.73 29.71
C GLY B 33 4.60 4.28 29.02
N PRO B 34 4.48 3.63 27.87
CA PRO B 34 5.68 3.29 27.09
C PRO B 34 6.36 4.57 26.64
N THR B 35 7.61 4.73 27.07
CA THR B 35 8.32 5.99 26.87
C THR B 35 9.65 5.74 26.17
N TYR B 36 10.20 6.82 25.61
CA TYR B 36 11.45 6.75 24.85
C TYR B 36 12.31 7.94 25.18
N LEU B 37 13.62 7.79 24.94
CA LEU B 37 14.60 8.86 25.14
C LEU B 37 15.48 8.95 23.90
N ASP B 38 15.35 10.04 23.15
CA ASP B 38 16.15 10.29 21.96
C ASP B 38 16.07 9.14 20.97
N GLY B 39 14.93 8.45 20.93
CA GLY B 39 14.73 7.31 20.07
C GLY B 39 14.86 5.96 20.75
N ALA B 40 15.46 5.91 21.93
CA ALA B 40 15.71 4.66 22.63
C ALA B 40 14.60 4.37 23.64
N ASP B 41 14.26 3.09 23.76
CA ASP B 41 13.19 2.68 24.66
C ASP B 41 13.64 2.78 26.11
N VAL B 42 12.85 3.48 26.93
CA VAL B 42 13.19 3.65 28.34
C VAL B 42 12.09 3.04 29.22
N THR B 43 11.41 2.01 28.71
CA THR B 43 10.41 1.31 29.51
C THR B 43 11.06 0.63 30.70
N LYS B 44 12.22 -0.01 30.49
CA LYS B 44 12.90 -0.78 31.51
C LYS B 44 13.67 0.08 32.52
N ILE B 45 13.83 1.37 32.24
CA ILE B 45 14.83 2.20 32.90
C ILE B 45 14.20 2.97 34.05
N LYS B 46 14.82 2.87 35.23
CA LYS B 46 14.52 3.80 36.32
C LYS B 46 15.31 5.09 36.11
N PRO B 47 14.74 6.24 36.46
CA PRO B 47 15.37 7.52 36.09
C PRO B 47 16.74 7.70 36.70
N HIS B 48 17.76 7.79 35.84
CA HIS B 48 19.06 8.27 36.27
C HIS B 48 18.99 9.79 36.46
N ASN B 49 19.72 10.29 37.46
CA ASN B 49 19.79 11.74 37.59
C ASN B 49 20.60 12.38 36.47
N SER B 50 21.16 11.58 35.57
CA SER B 50 21.65 12.09 34.29
C SER B 50 20.52 12.54 33.38
N HIS B 51 19.26 12.32 33.77
CA HIS B 51 18.11 12.66 32.94
C HIS B 51 17.41 13.93 33.37
N GLU B 52 17.87 14.59 34.44
CA GLU B 52 17.18 15.78 34.93
C GLU B 52 17.17 16.86 33.86
N GLY B 53 15.97 17.26 33.44
CA GLY B 53 15.81 18.24 32.38
C GLY B 53 15.65 17.66 30.99
N LYS B 54 15.92 16.36 30.81
CA LYS B 54 15.76 15.74 29.51
C LYS B 54 14.28 15.56 29.17
N THR B 55 13.99 15.48 27.88
CA THR B 55 12.64 15.27 27.38
C THR B 55 12.50 13.83 26.89
N PHE B 56 11.36 13.22 27.20
CA PHE B 56 11.08 11.84 26.84
C PHE B 56 9.78 11.78 26.05
N TYR B 57 9.80 11.04 24.95
CA TYR B 57 8.57 10.77 24.22
C TYR B 57 7.72 9.77 25.00
N VAL B 58 6.45 10.08 25.18
CA VAL B 58 5.50 9.18 25.81
C VAL B 58 4.40 8.88 24.80
N LEU B 59 4.15 7.59 24.55
CA LEU B 59 3.04 7.21 23.69
C LEU B 59 1.76 7.79 24.28
N PRO B 60 0.95 8.49 23.50
CA PRO B 60 -0.22 9.20 24.05
C PRO B 60 -1.14 8.26 24.80
N ASN B 61 -1.51 8.67 26.02
CA ASN B 61 -2.36 7.88 26.89
C ASN B 61 -3.40 8.77 27.57
N ASP B 62 -3.76 9.88 26.93
CA ASP B 62 -4.75 10.81 27.45
C ASP B 62 -5.32 11.60 26.29
N ASP B 63 -6.42 12.30 26.56
CA ASP B 63 -7.06 13.09 25.52
C ASP B 63 -6.20 14.29 25.12
N THR B 64 -5.61 14.97 26.11
CA THR B 64 -4.77 16.13 25.82
C THR B 64 -3.58 15.75 24.96
N LEU B 65 -2.91 14.64 25.30
CA LEU B 65 -1.78 14.19 24.49
C LEU B 65 -2.24 13.65 23.15
N ARG B 66 -3.37 12.94 23.12
CA ARG B 66 -3.83 12.30 21.88
C ARG B 66 -4.22 13.33 20.82
N VAL B 67 -4.77 14.48 21.23
CA VAL B 67 -5.06 15.53 20.26
C VAL B 67 -3.81 16.32 19.89
N GLU B 68 -2.80 16.32 20.76
CA GLU B 68 -1.52 16.92 20.39
C GLU B 68 -0.83 16.10 19.31
N ALA B 69 -0.85 14.77 19.45
CA ALA B 69 -0.21 13.91 18.46
C ALA B 69 -0.92 13.96 17.12
N PHE B 70 -2.23 14.20 17.11
CA PHE B 70 -2.97 14.28 15.86
C PHE B 70 -2.69 15.59 15.13
N GLU B 71 -2.56 16.69 15.87
CA GLU B 71 -2.30 17.97 15.22
C GLU B 71 -0.88 18.05 14.68
N TYR B 72 0.01 17.15 15.09
CA TYR B 72 1.40 17.12 14.63
C TYR B 72 1.62 16.09 13.54
N TYR B 73 1.15 14.85 13.75
CA TYR B 73 1.38 13.77 12.79
C TYR B 73 0.22 13.54 11.83
N HIS B 74 -0.96 14.09 12.12
CA HIS B 74 -2.14 13.94 11.27
C HIS B 74 -2.55 12.47 11.13
N THR B 75 -2.55 11.76 12.25
CA THR B 75 -3.02 10.38 12.27
C THR B 75 -3.38 9.99 13.70
N THR B 76 -4.38 9.12 13.82
CA THR B 76 -4.85 8.63 15.11
C THR B 76 -4.29 7.25 15.46
N ASP B 77 -3.40 6.71 14.63
CA ASP B 77 -2.86 5.39 14.89
C ASP B 77 -1.94 5.42 16.09
N PRO B 78 -2.25 4.69 17.17
CA PRO B 78 -1.35 4.69 18.34
C PRO B 78 -0.02 4.03 18.05
N SER B 79 0.04 3.15 17.05
CA SER B 79 1.28 2.47 16.68
C SER B 79 2.25 3.37 15.93
N PHE B 80 1.85 4.60 15.59
CA PHE B 80 2.69 5.46 14.76
C PHE B 80 4.00 5.80 15.46
N LEU B 81 3.92 6.32 16.68
CA LEU B 81 5.12 6.73 17.40
C LEU B 81 6.02 5.52 17.70
N GLY B 82 5.43 4.34 17.90
CA GLY B 82 6.24 3.17 18.15
C GLY B 82 7.08 2.78 16.95
N ARG B 83 6.47 2.79 15.75
CA ARG B 83 7.23 2.47 14.56
C ARG B 83 8.15 3.62 14.15
N TYR B 84 7.77 4.85 14.50
CA TYR B 84 8.62 6.00 14.21
C TYR B 84 9.88 5.98 15.07
N MET B 85 9.71 5.85 16.39
CA MET B 85 10.88 5.79 17.27
C MET B 85 11.76 4.59 16.94
N SER B 86 11.15 3.47 16.55
CA SER B 86 11.93 2.29 16.19
C SER B 86 12.72 2.52 14.91
N ALA B 87 12.12 3.19 13.93
CA ALA B 87 12.87 3.56 12.74
C ALA B 87 13.89 4.64 13.06
N LEU B 88 13.52 5.60 13.92
CA LEU B 88 14.43 6.69 14.26
C LEU B 88 15.68 6.20 14.95
N ASN B 89 15.56 5.14 15.75
CA ASN B 89 16.74 4.56 16.39
C ASN B 89 17.73 4.01 15.38
N HIS B 90 17.28 3.69 14.17
CA HIS B 90 18.16 3.26 13.10
C HIS B 90 18.55 4.39 12.15
N THR B 91 17.61 5.28 11.82
CA THR B 91 17.93 6.34 10.87
C THR B 91 18.88 7.37 11.46
N LYS B 92 18.82 7.61 12.77
CA LYS B 92 19.71 8.58 13.38
C LYS B 92 21.15 8.11 13.44
N LYS B 93 21.41 6.84 13.14
CA LYS B 93 22.77 6.32 12.97
C LYS B 93 23.22 6.30 11.52
N TRP B 94 22.36 6.71 10.58
CA TRP B 94 22.72 6.77 9.17
C TRP B 94 23.58 8.00 8.89
N LYS B 95 24.37 7.92 7.83
CA LYS B 95 25.13 9.06 7.33
C LYS B 95 24.36 9.71 6.19
N TYR B 96 24.32 11.04 6.19
CA TYR B 96 23.55 11.83 5.22
C TYR B 96 24.51 12.69 4.42
N PRO B 97 25.15 12.13 3.39
CA PRO B 97 26.17 12.87 2.64
C PRO B 97 25.60 14.04 1.87
N GLN B 98 26.35 15.13 1.84
CA GLN B 98 26.03 16.30 1.03
C GLN B 98 26.60 16.07 -0.36
N VAL B 99 25.73 15.75 -1.31
CA VAL B 99 26.12 15.40 -2.67
C VAL B 99 25.48 16.41 -3.62
N ASN B 100 26.32 17.20 -4.31
CA ASN B 100 25.86 18.11 -5.35
C ASN B 100 24.88 19.15 -4.79
N GLY B 101 25.02 19.50 -3.51
CA GLY B 101 24.12 20.43 -2.87
C GLY B 101 22.90 19.81 -2.24
N LEU B 102 22.64 18.53 -2.48
CA LEU B 102 21.48 17.83 -1.92
C LEU B 102 21.91 16.89 -0.81
N THR B 103 21.00 16.65 0.12
CA THR B 103 21.20 15.70 1.20
C THR B 103 20.82 14.31 0.72
N SER B 104 21.77 13.36 0.78
CA SER B 104 21.56 11.99 0.38
C SER B 104 21.59 11.08 1.61
N ILE B 105 21.75 9.77 1.38
CA ILE B 105 21.94 8.80 2.45
C ILE B 105 22.96 7.77 2.00
N LYS B 106 23.99 7.56 2.82
CA LYS B 106 24.92 6.47 2.58
C LYS B 106 24.19 5.14 2.72
N TRP B 107 24.54 4.18 1.86
CA TRP B 107 23.77 2.93 1.83
C TRP B 107 23.80 2.23 3.17
N ALA B 108 22.62 1.75 3.59
CA ALA B 108 22.46 1.01 4.83
C ALA B 108 21.04 0.44 4.89
N ASP B 109 20.93 -0.87 5.16
CA ASP B 109 19.63 -1.51 5.36
C ASP B 109 18.72 -1.36 4.15
N ASN B 110 19.30 -1.49 2.96
CA ASN B 110 18.55 -1.42 1.70
C ASN B 110 17.79 -0.09 1.57
N ASN B 111 18.40 0.99 2.04
CA ASN B 111 17.77 2.31 1.97
C ASN B 111 17.95 2.98 0.62
N CYS B 112 18.28 2.21 -0.42
CA CYS B 112 18.48 2.81 -1.74
C CYS B 112 17.21 3.52 -2.23
N TYR B 113 16.05 2.91 -2.04
CA TYR B 113 14.81 3.54 -2.48
C TYR B 113 14.49 4.77 -1.66
N LEU B 114 14.85 4.76 -0.37
CA LEU B 114 14.57 5.92 0.49
C LEU B 114 15.46 7.10 0.13
N ALA B 115 16.70 6.84 -0.26
CA ALA B 115 17.59 7.92 -0.65
C ALA B 115 17.12 8.56 -1.95
N THR B 116 16.73 7.76 -2.93
CA THR B 116 16.27 8.30 -4.20
C THR B 116 15.03 9.18 -4.03
N ALA B 117 14.10 8.75 -3.16
CA ALA B 117 12.94 9.57 -2.86
C ALA B 117 13.34 10.88 -2.18
N LEU B 118 14.26 10.80 -1.22
CA LEU B 118 14.66 11.98 -0.46
C LEU B 118 15.31 13.02 -1.36
N LEU B 119 16.15 12.58 -2.30
CA LEU B 119 16.75 13.51 -3.25
C LEU B 119 15.69 14.10 -4.16
N THR B 120 14.70 13.29 -4.56
CA THR B 120 13.61 13.81 -5.37
C THR B 120 12.78 14.83 -4.61
N LEU B 121 12.49 14.55 -3.35
CA LEU B 121 11.64 15.44 -2.55
C LEU B 121 12.25 16.83 -2.43
N GLN B 122 13.58 16.93 -2.41
CA GLN B 122 14.27 18.21 -2.31
C GLN B 122 14.35 18.96 -3.63
N GLN B 123 13.79 18.42 -4.71
CA GLN B 123 13.91 19.02 -6.04
C GLN B 123 12.56 19.38 -6.65
N ILE B 124 11.47 18.85 -6.14
CA ILE B 124 10.14 19.21 -6.58
C ILE B 124 9.49 20.04 -5.49
N GLU B 125 8.47 20.79 -5.86
CA GLU B 125 7.87 21.78 -4.96
C GLU B 125 6.65 21.16 -4.30
N LEU B 126 6.81 20.75 -3.04
CA LEU B 126 5.73 20.17 -2.25
C LEU B 126 5.55 21.01 -0.99
N LYS B 127 4.30 21.08 -0.52
CA LYS B 127 4.01 21.68 0.79
C LYS B 127 3.33 20.64 1.64
N PHE B 128 4.02 20.16 2.66
CA PHE B 128 3.47 19.10 3.49
C PHE B 128 2.45 19.66 4.46
N ASN B 129 1.45 18.85 4.77
CA ASN B 129 0.38 19.23 5.69
C ASN B 129 0.77 18.95 7.15
N PRO B 130 1.18 17.74 7.51
CA PRO B 130 1.50 17.48 8.93
C PRO B 130 2.72 18.27 9.36
N PRO B 131 2.63 18.97 10.50
CA PRO B 131 3.81 19.68 11.01
C PRO B 131 5.05 18.81 11.15
N ALA B 132 4.86 17.53 11.53
CA ALA B 132 5.98 16.62 11.65
C ALA B 132 6.77 16.52 10.35
N LEU B 133 6.07 16.54 9.22
CA LEU B 133 6.76 16.45 7.94
C LEU B 133 7.36 17.79 7.52
N GLN B 134 6.68 18.89 7.84
CA GLN B 134 7.24 20.21 7.57
C GLN B 134 8.53 20.41 8.35
N ASP B 135 8.50 20.14 9.66
CA ASP B 135 9.68 20.31 10.49
C ASP B 135 10.85 19.48 9.97
N ALA B 136 10.61 18.22 9.64
CA ALA B 136 11.69 17.29 9.35
C ALA B 136 12.28 17.48 7.96
N TYR B 137 11.49 17.97 7.00
CA TYR B 137 12.07 18.25 5.68
C TYR B 137 13.10 19.36 5.75
N TYR B 138 12.85 20.37 6.59
CA TYR B 138 13.83 21.44 6.75
C TYR B 138 15.02 21.00 7.58
N ARG B 139 14.80 20.10 8.54
CA ARG B 139 15.94 19.45 9.20
C ARG B 139 16.75 18.64 8.18
N ALA B 140 16.07 17.99 7.23
CA ALA B 140 16.75 17.21 6.22
C ALA B 140 17.56 18.11 5.28
N ARG B 141 16.98 19.25 4.88
CA ARG B 141 17.73 20.19 4.04
C ARG B 141 18.90 20.81 4.80
N ALA B 142 18.81 20.86 6.13
CA ALA B 142 19.92 21.34 6.94
C ALA B 142 21.01 20.30 7.12
N GLY B 143 20.81 19.07 6.65
CA GLY B 143 21.83 18.04 6.69
C GLY B 143 21.55 16.90 7.63
N GLU B 144 20.53 17.00 8.47
CA GLU B 144 20.16 15.94 9.42
C GLU B 144 18.80 15.40 9.00
N ALA B 145 18.82 14.37 8.15
CA ALA B 145 17.60 13.80 7.59
C ALA B 145 17.08 12.60 8.39
N ALA B 146 17.49 12.48 9.65
CA ALA B 146 17.13 11.29 10.42
C ALA B 146 15.64 11.29 10.77
N ASN B 147 15.12 12.43 11.24
CA ASN B 147 13.69 12.51 11.54
C ASN B 147 12.85 12.28 10.30
N PHE B 148 13.27 12.84 9.16
CA PHE B 148 12.45 12.79 7.95
C PHE B 148 12.29 11.37 7.44
N CYS B 149 13.40 10.63 7.35
CA CYS B 149 13.36 9.25 6.85
C CYS B 149 12.56 8.35 7.79
N ALA B 150 12.71 8.57 9.10
CA ALA B 150 11.95 7.78 10.06
C ALA B 150 10.45 8.03 9.92
N LEU B 151 10.06 9.28 9.70
CA LEU B 151 8.65 9.57 9.47
C LEU B 151 8.16 8.97 8.16
N ILE B 152 8.97 9.03 7.12
CA ILE B 152 8.59 8.45 5.84
C ILE B 152 8.31 6.96 5.98
N LEU B 153 9.21 6.25 6.67
CA LEU B 153 9.02 4.82 6.90
C LEU B 153 7.76 4.57 7.73
N ALA B 154 7.54 5.37 8.76
CA ALA B 154 6.33 5.20 9.58
C ALA B 154 5.07 5.46 8.77
N TYR B 155 5.08 6.49 7.91
CA TYR B 155 3.88 6.84 7.16
C TYR B 155 3.54 5.80 6.10
N CYS B 156 4.56 5.16 5.52
CA CYS B 156 4.36 4.12 4.51
C CYS B 156 4.25 2.72 5.11
N ASN B 157 4.22 2.60 6.44
CA ASN B 157 4.11 1.31 7.12
C ASN B 157 5.24 0.36 6.69
N LYS B 158 6.48 0.85 6.80
CA LYS B 158 7.65 0.07 6.47
C LYS B 158 8.66 0.18 7.60
N THR B 159 9.51 -0.84 7.71
CA THR B 159 10.55 -0.91 8.72
C THR B 159 11.93 -0.79 8.08
N VAL B 160 12.91 -0.44 8.91
CA VAL B 160 14.29 -0.34 8.43
C VAL B 160 14.74 -1.69 7.92
N GLY B 161 15.54 -1.68 6.85
CA GLY B 161 15.98 -2.89 6.19
C GLY B 161 15.05 -3.33 5.08
N GLU B 162 13.79 -3.01 5.24
CA GLU B 162 12.77 -3.45 4.29
C GLU B 162 12.96 -2.78 2.94
N LEU B 163 12.55 -3.49 1.90
CA LEU B 163 12.63 -2.90 0.57
C LEU B 163 11.30 -2.21 0.23
N GLY B 164 11.38 -1.08 -0.48
CA GLY B 164 10.25 -0.24 -0.88
C GLY B 164 10.22 0.30 -2.30
N ASP B 165 9.26 1.16 -2.59
CA ASP B 165 9.17 1.63 -3.99
C ASP B 165 9.35 3.13 -3.96
N VAL B 166 10.13 3.67 -4.85
CA VAL B 166 10.28 5.14 -4.89
C VAL B 166 8.91 5.71 -5.23
N ARG B 167 8.30 5.19 -6.28
CA ARG B 167 6.99 5.69 -6.77
C ARG B 167 5.94 5.51 -5.69
N GLU B 168 5.96 4.37 -5.03
CA GLU B 168 4.96 4.11 -3.98
C GLU B 168 5.22 4.96 -2.74
N THR B 169 6.49 5.26 -2.44
CA THR B 169 6.79 6.16 -1.33
C THR B 169 6.29 7.57 -1.62
N MET B 170 6.64 8.11 -2.79
CA MET B 170 6.14 9.43 -3.18
C MET B 170 4.63 9.48 -3.12
N SER B 171 3.96 8.42 -3.60
CA SER B 171 2.50 8.38 -3.56
C SER B 171 1.98 8.52 -2.13
N TYR B 172 2.58 7.80 -1.19
CA TYR B 172 2.18 7.93 0.22
C TYR B 172 2.37 9.36 0.71
N LEU B 173 3.52 9.96 0.40
CA LEU B 173 3.81 11.31 0.89
C LEU B 173 2.93 12.35 0.21
N PHE B 174 2.54 12.13 -1.04
CA PHE B 174 1.63 13.05 -1.72
C PHE B 174 0.28 13.11 -1.00
N GLN B 175 -0.12 12.02 -0.35
CA GLN B 175 -1.37 12.02 0.41
C GLN B 175 -1.31 13.00 1.57
N HIS B 176 -0.12 13.27 2.09
CA HIS B 176 0.05 14.22 3.19
C HIS B 176 0.53 15.58 2.72
N ALA B 177 0.42 15.86 1.42
CA ALA B 177 0.81 17.14 0.86
C ALA B 177 -0.42 17.87 0.33
N ASN B 178 -0.38 19.20 0.40
CA ASN B 178 -1.47 20.03 -0.12
C ASN B 178 -1.32 20.12 -1.64
N LEU B 179 -1.84 19.11 -2.32
CA LEU B 179 -1.97 19.11 -3.77
C LEU B 179 -3.43 19.16 -4.19
N ASP B 180 -4.29 19.69 -3.32
CA ASP B 180 -5.73 19.65 -3.57
C ASP B 180 -6.11 20.50 -4.78
N SER B 181 -5.32 21.53 -5.09
CA SER B 181 -5.63 22.43 -6.18
C SER B 181 -5.01 21.98 -7.51
N CYS B 182 -4.25 20.90 -7.52
CA CYS B 182 -3.66 20.38 -8.74
C CYS B 182 -4.70 19.65 -9.57
N LYS B 183 -4.80 19.98 -10.85
CA LYS B 183 -5.84 19.44 -11.72
C LYS B 183 -5.23 18.84 -12.98
N ARG B 184 -5.82 17.73 -13.42
CA ARG B 184 -5.47 17.11 -14.70
C ARG B 184 -6.75 16.77 -15.44
N VAL B 185 -6.78 17.07 -16.74
CA VAL B 185 -7.90 16.75 -17.61
C VAL B 185 -7.39 15.86 -18.73
N LEU B 186 -8.04 14.72 -18.92
CA LEU B 186 -7.62 13.75 -19.93
C LEU B 186 -8.76 13.49 -20.90
N ASN B 187 -8.39 13.13 -22.13
CA ASN B 187 -9.35 12.71 -23.13
C ASN B 187 -8.90 11.39 -23.72
N VAL B 188 -9.79 10.41 -23.73
CA VAL B 188 -9.54 9.10 -24.34
C VAL B 188 -10.45 8.97 -25.55
N VAL B 189 -9.87 8.61 -26.69
CA VAL B 189 -10.63 8.44 -27.92
C VAL B 189 -10.46 6.99 -28.37
N CYS B 190 -11.50 6.19 -28.17
CA CYS B 190 -11.62 4.91 -28.83
C CYS B 190 -12.45 5.08 -30.09
N LYS B 191 -12.13 4.27 -31.11
CA LYS B 191 -12.82 4.39 -32.38
C LYS B 191 -14.20 3.73 -32.36
N THR B 192 -14.43 2.76 -31.47
CA THR B 192 -15.75 2.15 -31.32
C THR B 192 -16.40 2.48 -29.98
N CYS B 193 -15.76 3.30 -29.14
CA CYS B 193 -16.38 3.77 -27.91
C CYS B 193 -16.52 5.28 -27.84
N GLY B 194 -16.00 6.02 -28.82
CA GLY B 194 -16.26 7.44 -28.91
C GLY B 194 -15.17 8.35 -28.36
N GLN B 195 -15.58 9.45 -27.72
CA GLN B 195 -14.66 10.43 -27.17
C GLN B 195 -15.16 10.84 -25.78
N GLN B 196 -14.35 10.60 -24.75
CA GLN B 196 -14.75 10.83 -23.37
C GLN B 196 -13.64 11.58 -22.62
N GLN B 197 -14.05 12.54 -21.80
CA GLN B 197 -13.14 13.40 -21.06
C GLN B 197 -13.25 13.13 -19.57
N THR B 198 -12.10 13.11 -18.88
CA THR B 198 -12.04 12.86 -17.45
C THR B 198 -11.21 13.94 -16.78
N THR B 199 -11.62 14.31 -15.56
CA THR B 199 -10.93 15.32 -14.77
C THR B 199 -10.42 14.65 -13.49
N LEU B 200 -9.14 14.86 -13.19
CA LEU B 200 -8.51 14.32 -12.00
C LEU B 200 -8.07 15.46 -11.09
N LYS B 201 -8.29 15.29 -9.79
CA LYS B 201 -7.90 16.26 -8.79
C LYS B 201 -7.01 15.61 -7.75
N GLY B 202 -6.20 16.43 -7.10
CA GLY B 202 -5.35 15.92 -6.03
C GLY B 202 -4.22 15.04 -6.54
N VAL B 203 -3.87 14.04 -5.72
CA VAL B 203 -2.70 13.21 -5.98
C VAL B 203 -2.80 12.49 -7.31
N GLU B 204 -4.01 12.13 -7.73
CA GLU B 204 -4.18 11.46 -9.01
C GLU B 204 -3.80 12.35 -10.20
N ALA B 205 -3.75 13.67 -10.00
CA ALA B 205 -3.48 14.59 -11.10
C ALA B 205 -1.99 14.72 -11.42
N VAL B 206 -1.11 14.34 -10.50
CA VAL B 206 0.34 14.50 -10.69
C VAL B 206 1.05 13.18 -10.91
N MET B 207 0.33 12.07 -11.00
CA MET B 207 0.92 10.73 -11.06
C MET B 207 0.37 9.98 -12.28
N TYR B 208 1.26 9.36 -13.03
CA TYR B 208 0.84 8.53 -14.16
C TYR B 208 1.79 7.35 -14.29
N MET B 209 1.22 6.18 -14.56
CA MET B 209 1.98 4.96 -14.84
C MET B 209 1.61 4.48 -16.23
N GLY B 210 2.62 4.27 -17.07
CA GLY B 210 2.39 3.86 -18.44
C GLY B 210 3.46 4.32 -19.42
N THR B 211 4.01 5.50 -19.20
CA THR B 211 5.10 6.00 -20.01
C THR B 211 5.98 6.94 -19.19
N LEU B 212 7.24 7.05 -19.59
CA LEU B 212 8.16 7.98 -18.95
C LEU B 212 8.15 9.36 -19.59
N SER B 213 7.77 9.45 -20.86
CA SER B 213 7.87 10.70 -21.61
C SER B 213 6.65 11.57 -21.35
N TYR B 214 6.89 12.76 -20.78
CA TYR B 214 5.84 13.76 -20.64
C TYR B 214 5.40 14.32 -21.98
N GLU B 215 6.27 14.27 -23.00
CA GLU B 215 5.90 14.75 -24.33
C GLU B 215 4.94 13.80 -25.02
N GLN B 216 5.22 12.49 -24.96
CA GLN B 216 4.30 11.51 -25.55
C GLN B 216 2.96 11.51 -24.83
N PHE B 217 2.97 11.73 -23.50
CA PHE B 217 1.72 11.88 -22.77
C PHE B 217 0.91 13.05 -23.31
N LYS B 218 1.60 14.12 -23.71
CA LYS B 218 0.92 15.27 -24.30
C LYS B 218 0.42 14.95 -25.71
N LYS B 219 1.25 14.31 -26.52
CA LYS B 219 0.89 13.97 -27.89
C LYS B 219 -0.06 12.79 -27.98
N GLY B 220 -0.31 12.08 -26.88
CA GLY B 220 -1.21 10.96 -26.89
C GLY B 220 -0.52 9.61 -26.87
N VAL B 221 -0.90 8.75 -25.94
CA VAL B 221 -0.35 7.40 -25.84
C VAL B 221 -1.43 6.41 -26.27
N GLN B 222 -0.99 5.22 -26.62
CA GLN B 222 -1.88 4.13 -26.99
C GLN B 222 -2.14 3.27 -25.76
N ILE B 223 -3.41 3.10 -25.41
CA ILE B 223 -3.80 2.29 -24.25
C ILE B 223 -4.97 1.42 -24.62
N PRO B 224 -5.18 0.31 -23.91
CA PRO B 224 -6.35 -0.53 -24.15
C PRO B 224 -7.61 0.12 -23.59
N CYS B 225 -8.61 0.30 -24.46
CA CYS B 225 -9.94 0.66 -23.99
C CYS B 225 -10.68 -0.61 -23.60
N THR B 226 -11.90 -0.45 -23.07
CA THR B 226 -12.71 -1.61 -22.74
C THR B 226 -13.19 -2.36 -23.97
N CYS B 227 -13.11 -1.73 -25.15
CA CYS B 227 -13.44 -2.40 -26.41
C CYS B 227 -12.41 -3.45 -26.79
N GLY B 228 -11.28 -3.51 -26.09
CA GLY B 228 -10.18 -4.38 -26.43
C GLY B 228 -9.18 -3.77 -27.40
N LYS B 229 -9.63 -2.82 -28.22
CA LYS B 229 -8.75 -2.20 -29.18
C LYS B 229 -7.81 -1.21 -28.49
N GLN B 230 -6.88 -0.68 -29.27
CA GLN B 230 -5.98 0.37 -28.79
C GLN B 230 -6.66 1.73 -28.94
N ALA B 231 -6.72 2.48 -27.85
CA ALA B 231 -7.29 3.81 -27.85
C ALA B 231 -6.22 4.84 -27.51
N THR B 232 -6.46 6.08 -27.92
CA THR B 232 -5.51 7.17 -27.73
C THR B 232 -5.96 8.02 -26.55
N LYS B 233 -5.10 8.10 -25.53
CA LYS B 233 -5.32 8.98 -24.38
C LYS B 233 -4.25 10.06 -24.40
N TYR B 234 -4.68 11.32 -24.30
CA TYR B 234 -3.74 12.43 -24.34
C TYR B 234 -4.10 13.45 -23.27
N LEU B 235 -3.11 14.24 -22.90
CA LEU B 235 -3.27 15.24 -21.85
C LEU B 235 -3.92 16.49 -22.42
N VAL B 236 -5.09 16.84 -21.91
CA VAL B 236 -5.79 18.03 -22.35
C VAL B 236 -5.34 19.26 -21.56
N GLN B 237 -5.17 19.12 -20.26
CA GLN B 237 -4.80 20.24 -19.41
C GLN B 237 -4.13 19.71 -18.15
N GLN B 238 -3.14 20.46 -17.67
CA GLN B 238 -2.36 20.08 -16.49
C GLN B 238 -2.08 21.33 -15.68
N GLU B 239 -2.49 21.31 -14.41
CA GLU B 239 -2.27 22.41 -13.48
C GLU B 239 -1.57 21.85 -12.25
N SER B 240 -0.25 22.00 -12.19
CA SER B 240 0.56 21.35 -11.17
C SER B 240 1.96 21.93 -11.12
N PRO B 241 2.62 21.95 -9.96
CA PRO B 241 4.03 22.36 -9.92
C PRO B 241 4.99 21.29 -10.39
N PHE B 242 4.53 20.07 -10.65
CA PHE B 242 5.36 18.98 -11.14
C PHE B 242 4.46 17.85 -11.60
N VAL B 243 5.04 16.94 -12.37
CA VAL B 243 4.37 15.72 -12.81
C VAL B 243 5.35 14.57 -12.65
N MET B 244 4.88 13.44 -12.15
CA MET B 244 5.69 12.23 -12.03
C MET B 244 5.21 11.21 -13.05
N MET B 245 6.04 10.93 -14.04
CA MET B 245 5.78 9.91 -15.04
C MET B 245 6.51 8.63 -14.64
N SER B 246 5.80 7.50 -14.68
CA SER B 246 6.38 6.23 -14.28
C SER B 246 6.04 5.15 -15.30
N ALA B 247 6.92 4.16 -15.37
CA ALA B 247 6.73 2.98 -16.20
C ALA B 247 7.59 1.87 -15.63
N PRO B 248 7.25 0.61 -15.87
CA PRO B 248 8.14 -0.49 -15.49
C PRO B 248 9.52 -0.28 -16.10
N PRO B 249 10.58 -0.65 -15.39
CA PRO B 249 11.93 -0.34 -15.84
C PRO B 249 12.20 -0.84 -17.26
N ALA B 250 12.91 -0.02 -18.03
CA ALA B 250 13.29 -0.31 -19.40
C ALA B 250 14.31 0.74 -19.82
N GLN B 251 15.13 0.38 -20.81
CA GLN B 251 16.16 1.31 -21.29
C GLN B 251 15.52 2.60 -21.78
N TYR B 252 16.14 3.72 -21.39
CA TYR B 252 15.59 5.03 -21.67
C TYR B 252 16.70 6.06 -21.66
N GLU B 253 16.64 7.03 -22.57
CA GLU B 253 17.65 8.05 -22.70
C GLU B 253 17.16 9.34 -22.03
N LEU B 254 17.93 9.83 -21.06
CA LEU B 254 17.63 11.07 -20.39
C LEU B 254 18.48 12.18 -21.01
N LYS B 255 17.82 13.22 -21.51
CA LYS B 255 18.50 14.34 -22.17
C LYS B 255 18.59 15.51 -21.20
N HIS B 256 19.77 16.13 -21.16
CA HIS B 256 20.04 17.19 -20.20
C HIS B 256 19.09 18.36 -20.39
N GLY B 257 18.63 18.92 -19.28
CA GLY B 257 17.75 20.08 -19.30
C GLY B 257 16.33 19.82 -19.68
N THR B 258 15.93 18.58 -19.95
CA THR B 258 14.57 18.25 -20.35
C THR B 258 13.77 17.59 -19.22
N PHE B 259 14.34 17.47 -18.04
CA PHE B 259 13.65 16.85 -16.91
C PHE B 259 14.30 17.37 -15.62
N THR B 260 13.66 17.05 -14.50
CA THR B 260 14.18 17.47 -13.19
C THR B 260 15.04 16.36 -12.59
N CYS B 261 14.42 15.24 -12.26
CA CYS B 261 15.12 14.10 -11.68
C CYS B 261 14.52 12.81 -12.22
N ALA B 262 15.17 11.69 -11.90
CA ALA B 262 14.76 10.40 -12.42
C ALA B 262 15.19 9.29 -11.47
N SER B 263 14.43 8.21 -11.49
CA SER B 263 14.75 7.01 -10.73
C SER B 263 15.24 5.94 -11.70
N GLU B 264 16.48 5.53 -11.55
CA GLU B 264 17.01 4.38 -12.26
C GLU B 264 16.90 3.14 -11.38
N TYR B 265 16.44 2.05 -11.97
CA TYR B 265 16.19 0.81 -11.23
C TYR B 265 16.76 -0.35 -12.05
N THR B 266 17.78 -1.00 -11.52
CA THR B 266 18.35 -2.21 -12.12
C THR B 266 17.95 -3.40 -11.24
N GLY B 267 17.30 -4.39 -11.85
CA GLY B 267 16.83 -5.56 -11.16
C GLY B 267 15.45 -5.93 -11.66
N ASN B 268 14.72 -6.69 -10.85
CA ASN B 268 13.33 -6.99 -11.17
C ASN B 268 12.43 -6.60 -10.02
N TYR B 269 11.16 -7.00 -10.09
CA TYR B 269 10.19 -6.63 -9.06
C TYR B 269 10.53 -7.23 -7.70
N GLN B 270 11.27 -8.34 -7.67
CA GLN B 270 11.58 -8.99 -6.40
C GLN B 270 12.82 -8.45 -5.73
N CYS B 271 13.79 -7.97 -6.51
CA CYS B 271 15.03 -7.43 -5.97
C CYS B 271 15.65 -6.49 -6.99
N GLY B 272 16.08 -5.32 -6.53
CA GLY B 272 16.70 -4.35 -7.42
C GLY B 272 17.38 -3.25 -6.65
N HIS B 273 18.22 -2.51 -7.35
CA HIS B 273 18.97 -1.40 -6.77
C HIS B 273 18.54 -0.10 -7.43
N TYR B 274 18.16 0.88 -6.62
CA TYR B 274 17.72 2.19 -7.09
C TYR B 274 18.92 3.14 -7.23
N LYS B 275 18.85 4.00 -8.24
CA LYS B 275 19.78 5.11 -8.37
C LYS B 275 18.99 6.36 -8.74
N HIS B 276 19.62 7.52 -8.57
CA HIS B 276 18.98 8.80 -8.78
C HIS B 276 19.77 9.62 -9.78
N ILE B 277 19.07 10.11 -10.82
CA ILE B 277 19.66 10.98 -11.82
C ILE B 277 18.94 12.33 -11.75
N THR B 278 19.70 13.40 -11.75
CA THR B 278 19.18 14.75 -11.69
C THR B 278 19.86 15.59 -12.76
N SER B 279 19.16 16.60 -13.26
CA SER B 279 19.67 17.46 -14.33
C SER B 279 20.09 18.81 -13.76
N LYS B 280 21.42 19.03 -13.67
CA LYS B 280 21.96 20.30 -13.20
C LYS B 280 22.71 20.90 -14.39
N GLU B 281 23.96 21.31 -14.22
CA GLU B 281 24.77 21.81 -15.32
C GLU B 281 25.09 20.71 -16.33
N THR B 282 25.01 19.46 -15.90
CA THR B 282 25.06 18.29 -16.74
C THR B 282 24.25 17.22 -16.03
N LEU B 283 24.41 15.96 -16.44
CA LEU B 283 23.67 14.87 -15.82
C LEU B 283 24.49 14.30 -14.65
N TYR B 284 23.93 14.42 -13.44
CA TYR B 284 24.51 13.85 -12.24
C TYR B 284 23.67 12.65 -11.81
N CYS B 285 24.34 11.53 -11.56
CA CYS B 285 23.72 10.33 -11.03
C CYS B 285 24.26 10.09 -9.62
N ILE B 286 23.37 10.12 -8.63
CA ILE B 286 23.72 9.97 -7.23
C ILE B 286 23.28 8.59 -6.77
N ASP B 287 24.24 7.75 -6.38
CA ASP B 287 23.89 6.41 -5.91
C ASP B 287 23.51 6.50 -4.43
N GLY B 288 24.52 6.49 -3.55
CA GLY B 288 24.27 6.78 -2.15
C GLY B 288 25.07 7.98 -1.71
N ALA B 289 26.35 7.74 -1.38
CA ALA B 289 27.34 8.78 -1.20
C ALA B 289 28.21 8.96 -2.43
N LEU B 290 27.93 8.24 -3.50
CA LEU B 290 28.75 8.25 -4.70
C LEU B 290 28.13 9.16 -5.75
N LEU B 291 28.99 9.81 -6.53
CA LEU B 291 28.54 10.75 -7.55
C LEU B 291 29.32 10.53 -8.84
N THR B 292 28.62 10.42 -9.96
CA THR B 292 29.24 10.34 -11.27
C THR B 292 28.60 11.38 -12.18
N LYS B 293 29.40 12.03 -13.00
CA LYS B 293 28.91 13.09 -13.92
C LYS B 293 28.82 12.52 -15.33
N SER B 294 27.93 13.07 -16.14
CA SER B 294 27.72 12.56 -17.51
C SER B 294 26.98 13.59 -18.33
N SER B 295 27.31 13.77 -19.60
CA SER B 295 26.58 14.74 -20.43
C SER B 295 25.39 14.02 -21.05
N GLU B 296 25.53 12.72 -21.28
CA GLU B 296 24.48 11.87 -21.80
C GLU B 296 24.22 10.72 -20.83
N TYR B 297 22.96 10.29 -20.74
CA TYR B 297 22.63 9.12 -19.94
C TYR B 297 21.64 8.25 -20.70
N LYS B 298 21.81 6.93 -20.55
CA LYS B 298 20.83 5.97 -21.07
C LYS B 298 20.88 4.74 -20.18
N GLY B 299 19.76 4.45 -19.51
CA GLY B 299 19.68 3.32 -18.61
C GLY B 299 18.26 2.95 -18.25
N PRO B 300 18.10 1.97 -17.34
CA PRO B 300 16.76 1.53 -16.95
C PRO B 300 16.06 2.50 -16.02
N ILE B 301 15.26 3.41 -16.58
CA ILE B 301 14.55 4.42 -15.80
C ILE B 301 13.12 3.95 -15.56
N THR B 302 12.63 4.19 -14.34
CA THR B 302 11.26 3.85 -13.97
C THR B 302 10.44 5.03 -13.48
N ASP B 303 11.07 6.14 -13.14
CA ASP B 303 10.37 7.38 -12.80
C ASP B 303 11.11 8.54 -13.42
N VAL B 304 10.36 9.50 -13.96
CA VAL B 304 10.91 10.78 -14.39
C VAL B 304 10.01 11.88 -13.84
N PHE B 305 10.62 12.97 -13.38
CA PHE B 305 9.91 14.09 -12.78
C PHE B 305 10.15 15.35 -13.60
N TYR B 306 9.08 16.06 -13.92
CA TYR B 306 9.12 17.24 -14.76
C TYR B 306 8.57 18.44 -14.00
N LYS B 307 9.11 19.62 -14.31
CA LYS B 307 8.51 20.84 -13.79
C LYS B 307 7.29 21.23 -14.62
N GLU B 308 6.37 21.93 -13.98
CA GLU B 308 5.11 22.30 -14.62
C GLU B 308 4.56 23.53 -13.89
N ASN B 309 3.75 24.30 -14.61
CA ASN B 309 2.97 25.37 -13.99
C ASN B 309 1.52 25.22 -14.41
N SER B 310 1.26 25.34 -15.71
CA SER B 310 -0.07 25.16 -16.27
C SER B 310 0.09 24.89 -17.77
N TYR B 311 -0.65 23.91 -18.28
CA TYR B 311 -0.52 23.46 -19.66
C TYR B 311 -1.89 23.20 -20.25
N THR B 312 -2.08 23.61 -21.51
CA THR B 312 -3.27 23.30 -22.29
C THR B 312 -2.85 22.84 -23.68
N THR B 313 -3.47 21.77 -24.16
CA THR B 313 -2.99 21.09 -25.35
C THR B 313 -3.49 21.78 -26.62
N THR B 314 -2.96 21.32 -27.75
CA THR B 314 -3.29 21.87 -29.06
C THR B 314 -4.24 20.99 -29.86
N ILE B 315 -4.43 19.74 -29.46
CA ILE B 315 -5.31 18.83 -30.19
C ILE B 315 -6.75 19.01 -29.74
N GLY C 2 -6.17 0.57 -10.15
CA GLY C 2 -7.52 0.12 -9.95
C GLY C 2 -8.24 -0.33 -11.22
N GLY C 3 -8.76 -1.56 -11.18
CA GLY C 3 -10.12 -1.79 -11.65
C GLY C 3 -11.09 -1.55 -10.50
N GLY D 2 10.79 -4.14 -4.51
CA GLY D 2 11.95 -4.23 -3.64
C GLY D 2 13.26 -3.77 -4.28
N GLY D 3 13.44 -2.45 -4.45
CA GLY D 3 14.61 -1.74 -3.97
C GLY D 3 14.37 -1.26 -2.56
#